data_6R3J
#
_entry.id   6R3J
#
_cell.length_a   96.028
_cell.length_b   63.815
_cell.length_c   87.742
_cell.angle_alpha   90.00
_cell.angle_beta   90.00
_cell.angle_gamma   90.00
#
_symmetry.space_group_name_H-M   'P 21 21 2'
#
loop_
_entity.id
_entity.type
_entity.pdbx_description
1 polymer 'Ferulic acid decarboxylase 1'
2 non-polymer 'prFMN cofactor and crotonic acid adduct'
3 non-polymer 'MANGANESE (II) ION'
4 non-polymer 'POTASSIUM ION'
5 water water
#
_entity_poly.entity_id   1
_entity_poly.type   'polypeptide(L)'
_entity_poly.pdbx_seq_one_letter_code
;MSAQPAHLCFRSFVEALKVDNDLVEINTPIDPNLEAAAITRRVCETNDKAPLFNNLIGMKNGLFRILGAPGSLRKSSADR
YGRLARHLALPPTASMREILDKMLSASDMPPIPPTIVPTGPCKENSLDDSEFDLTELPVPLIHKSDGGKYIQTYGMHIVQ
SPDGTWTNWSIARAMVHDKNHLTGLVIPPQHIWQIHQMWKKEGRSDVPWALAFGVPPAAIMASSMPIPDGVTEAGYVGAM
TGSSLELVKCDTNDLYVPATSEIVLEGTLSISETGPEGPFGEMHGYIFPGDTHLGAKYKVNRITYRNNAIMPMSSCGRLT
DETHTMIGSLAAAEIRKLCQQNDLPITDAFAPFESQVTWVALRVDTEKLRAMKTTSEGFRKRVGDVVFNHKAGYTIHRLV
LVGDDIDVYEGKDVLWAFSTRCRPGMDETLFEDVRGFPLIPYMGHGNGPAHRGGKVVSDALMPTEYTTGRNWEAADFNQS
YPEDLKQKVLDNWTKMGFSNLEHHHHHH
;
_entity_poly.pdbx_strand_id   A
#
loop_
_chem_comp.id
_chem_comp.type
_chem_comp.name
_chem_comp.formula
JRH non-polymer 'prFMN cofactor and crotonic acid adduct' 'C25 H35 N4 O9 P'
K non-polymer 'POTASSIUM ION' 'K 1'
MN non-polymer 'MANGANESE (II) ION' 'Mn 2'
#
# COMPACT_ATOMS: atom_id res chain seq x y z
N GLN A 4 22.69 -0.06 -11.04
CA GLN A 4 21.21 -0.26 -11.31
C GLN A 4 20.45 0.89 -10.63
N PRO A 5 19.46 1.47 -11.31
CA PRO A 5 18.66 2.55 -10.73
C PRO A 5 17.89 2.16 -9.47
N ALA A 6 17.72 3.10 -8.54
CA ALA A 6 17.02 2.84 -7.28
C ALA A 6 15.58 2.29 -7.44
N HIS A 7 14.85 2.74 -8.45
CA HIS A 7 13.51 2.22 -8.67
C HIS A 7 13.44 0.82 -9.25
N LEU A 8 14.57 0.33 -9.75
CA LEU A 8 14.65 -0.95 -10.38
C LEU A 8 15.45 -2.01 -9.58
N CYS A 9 15.99 -1.62 -8.42
CA CYS A 9 16.89 -2.47 -7.66
C CYS A 9 16.82 -2.07 -6.22
N PHE A 10 16.37 -2.97 -5.35
CA PHE A 10 16.22 -2.67 -3.92
C PHE A 10 17.55 -2.24 -3.30
N ARG A 11 18.62 -2.90 -3.64
CA ARG A 11 19.89 -2.59 -3.05
C ARG A 11 20.29 -1.19 -3.39
N SER A 12 20.02 -0.76 -4.61
CA SER A 12 20.25 0.64 -4.99
C SER A 12 19.32 1.62 -4.28
N PHE A 13 18.09 1.21 -4.02
CA PHE A 13 17.11 1.99 -3.25
C PHE A 13 17.65 2.27 -1.84
N VAL A 14 18.19 1.27 -1.20
CA VAL A 14 18.77 1.46 0.15
C VAL A 14 19.91 2.50 0.08
N GLU A 15 20.73 2.43 -0.97
N GLU A 15 20.74 2.42 -0.96
CA GLU A 15 21.84 3.38 -1.11
CA GLU A 15 21.85 3.37 -1.07
C GLU A 15 21.26 4.78 -1.31
C GLU A 15 21.28 4.76 -1.33
N ALA A 16 20.15 4.87 -2.05
CA ALA A 16 19.54 6.16 -2.31
C ALA A 16 19.04 6.77 -1.01
N LEU A 17 18.44 5.98 -0.12
CA LEU A 17 17.97 6.49 1.15
C LEU A 17 19.18 6.98 2.00
N LYS A 18 20.29 6.27 1.95
N LYS A 18 20.28 6.24 1.94
CA LYS A 18 21.48 6.71 2.65
CA LYS A 18 21.51 6.62 2.63
C LYS A 18 21.94 8.08 2.14
C LYS A 18 22.01 7.99 2.13
N VAL A 19 22.09 8.18 0.81
N VAL A 19 22.08 8.21 0.81
CA VAL A 19 22.54 9.41 0.17
CA VAL A 19 22.59 9.50 0.29
C VAL A 19 21.61 10.60 0.47
C VAL A 19 21.58 10.66 0.41
N ASP A 20 20.29 10.32 0.57
CA ASP A 20 19.27 11.30 0.96
C ASP A 20 19.34 11.75 2.45
N ASN A 21 20.24 11.13 3.20
CA ASN A 21 20.24 11.29 4.66
C ASN A 21 18.85 10.95 5.25
N ASP A 22 18.34 9.83 4.74
CA ASP A 22 17.00 9.28 5.15
C ASP A 22 17.11 7.90 5.69
N LEU A 23 18.30 7.53 6.17
N LEU A 23 18.26 7.54 6.23
CA LEU A 23 18.61 6.17 6.60
CA LEU A 23 18.49 6.19 6.66
C LEU A 23 19.48 6.25 7.86
C LEU A 23 19.51 6.18 7.80
N VAL A 24 19.19 5.41 8.85
CA VAL A 24 20.05 5.21 10.02
C VAL A 24 20.49 3.76 9.99
N GLU A 25 21.80 3.56 9.83
CA GLU A 25 22.41 2.24 9.89
C GLU A 25 22.74 1.89 11.36
N ILE A 26 22.19 0.80 11.82
N ILE A 26 22.13 0.83 11.86
CA ILE A 26 22.37 0.35 13.17
CA ILE A 26 22.36 0.31 13.23
C ILE A 26 23.22 -0.93 13.07
C ILE A 26 23.21 -0.95 13.08
N ASN A 27 24.48 -0.85 13.50
CA ASN A 27 25.47 -1.87 13.29
C ASN A 27 25.74 -2.70 14.53
N THR A 28 25.12 -2.34 15.63
CA THR A 28 25.15 -3.09 16.88
C THR A 28 24.01 -4.10 16.95
N PRO A 29 24.12 -5.15 17.78
CA PRO A 29 23.09 -6.22 17.71
C PRO A 29 21.70 -5.73 18.09
N ILE A 30 20.72 -6.09 17.27
CA ILE A 30 19.31 -5.75 17.48
C ILE A 30 18.52 -7.05 17.44
N ASP A 31 17.61 -7.18 18.36
CA ASP A 31 16.82 -8.43 18.45
C ASP A 31 15.62 -8.38 17.47
N PRO A 32 15.51 -9.39 16.57
CA PRO A 32 14.27 -9.48 15.77
C PRO A 32 13.04 -9.79 16.58
N ASN A 33 13.20 -10.30 17.83
CA ASN A 33 12.06 -10.42 18.72
C ASN A 33 11.73 -9.03 19.29
N LEU A 34 10.78 -8.38 18.64
CA LEU A 34 10.24 -7.08 19.04
C LEU A 34 11.08 -5.85 18.89
N GLU A 35 12.37 -5.94 19.20
CA GLU A 35 13.18 -4.71 19.17
C GLU A 35 13.28 -3.99 17.81
N ALA A 36 13.56 -4.77 16.76
CA ALA A 36 13.65 -4.15 15.42
C ALA A 36 12.32 -3.45 15.08
N ALA A 37 11.20 -4.16 15.33
CA ALA A 37 9.89 -3.65 15.02
C ALA A 37 9.48 -2.47 15.94
N ALA A 38 9.95 -2.44 17.17
CA ALA A 38 9.63 -1.34 18.08
C ALA A 38 10.33 -0.04 17.61
N ILE A 39 11.61 -0.17 17.23
CA ILE A 39 12.37 0.94 16.62
C ILE A 39 11.63 1.42 15.40
N THR A 40 11.26 0.50 14.52
CA THR A 40 10.56 0.84 13.29
C THR A 40 9.22 1.52 13.57
N ARG A 41 8.48 1.01 14.55
CA ARG A 41 7.21 1.61 14.93
C ARG A 41 7.36 3.05 15.38
N ARG A 42 8.36 3.29 16.22
N ARG A 42 8.36 3.31 16.20
CA ARG A 42 8.69 4.63 16.71
CA ARG A 42 8.58 4.66 16.67
C ARG A 42 9.07 5.57 15.52
C ARG A 42 9.05 5.58 15.50
N VAL A 43 9.86 5.06 14.58
CA VAL A 43 10.18 5.79 13.35
C VAL A 43 8.89 6.18 12.62
N CYS A 44 7.96 5.21 12.44
CA CYS A 44 6.73 5.48 11.68
C CYS A 44 5.80 6.50 12.39
N GLU A 45 5.76 6.46 13.71
CA GLU A 45 4.94 7.35 14.46
C GLU A 45 5.51 8.74 14.55
N THR A 46 6.80 8.91 14.21
CA THR A 46 7.44 10.20 14.29
C THR A 46 8.05 10.66 12.97
N ASN A 47 7.79 9.93 11.88
CA ASN A 47 8.31 10.26 10.56
C ASN A 47 9.83 10.45 10.54
N ASP A 48 10.52 9.59 11.23
CA ASP A 48 12.00 9.65 11.33
C ASP A 48 12.60 8.90 10.09
N LYS A 49 13.92 8.83 10.06
CA LYS A 49 14.68 8.15 9.03
C LYS A 49 14.46 6.62 9.12
N ALA A 50 14.54 5.94 7.95
CA ALA A 50 14.32 4.52 7.87
C ALA A 50 15.48 3.82 8.60
N PRO A 51 15.19 2.80 9.41
CA PRO A 51 16.28 2.05 10.07
C PRO A 51 16.74 0.85 9.26
N LEU A 52 18.05 0.68 9.15
CA LEU A 52 18.65 -0.46 8.48
C LEU A 52 19.42 -1.22 9.59
N PHE A 53 18.94 -2.39 9.90
CA PHE A 53 19.51 -3.21 10.97
C PHE A 53 20.50 -4.16 10.29
N ASN A 54 21.78 -3.80 10.42
CA ASN A 54 22.84 -4.59 9.79
C ASN A 54 23.41 -5.71 10.68
N ASN A 55 22.94 -5.79 11.91
CA ASN A 55 23.46 -6.75 12.88
C ASN A 55 22.28 -7.30 13.64
N LEU A 56 21.59 -8.23 13.00
N LEU A 56 21.58 -8.24 13.02
CA LEU A 56 20.32 -8.75 13.53
CA LEU A 56 20.36 -8.82 13.64
C LEU A 56 20.65 -10.05 14.28
C LEU A 56 20.69 -10.08 14.32
N ILE A 57 20.26 -10.16 15.56
CA ILE A 57 20.54 -11.33 16.41
C ILE A 57 19.83 -12.55 15.78
N GLY A 58 20.64 -13.55 15.43
CA GLY A 58 20.13 -14.75 14.78
C GLY A 58 20.42 -14.83 13.31
N MET A 59 20.98 -13.75 12.70
N MET A 59 20.98 -13.76 12.71
CA MET A 59 21.36 -13.77 11.29
CA MET A 59 21.46 -13.89 11.36
C MET A 59 22.50 -14.77 11.09
C MET A 59 22.36 -15.11 11.27
N LYS A 60 22.36 -15.66 10.09
CA LYS A 60 23.32 -16.75 9.83
C LYS A 60 23.51 -16.88 8.35
N ASN A 61 24.78 -17.04 7.92
CA ASN A 61 25.05 -17.29 6.50
C ASN A 61 24.34 -16.38 5.56
N GLY A 62 24.24 -15.14 5.98
CA GLY A 62 23.78 -14.11 5.08
C GLY A 62 22.31 -13.85 5.26
N LEU A 63 21.55 -14.63 6.06
CA LEU A 63 20.11 -14.35 6.20
C LEU A 63 19.83 -13.86 7.58
N PHE A 64 19.44 -12.61 7.81
CA PHE A 64 19.32 -11.47 6.86
C PHE A 64 19.41 -10.21 7.71
N ARG A 65 19.68 -9.10 7.01
CA ARG A 65 19.57 -7.70 7.56
C ARG A 65 18.11 -7.33 7.38
N ILE A 66 17.63 -6.29 8.10
CA ILE A 66 16.28 -5.81 7.91
C ILE A 66 16.28 -4.30 7.60
N LEU A 67 15.48 -3.84 6.66
CA LEU A 67 15.19 -2.40 6.47
C LEU A 67 13.76 -2.19 6.90
N GLY A 68 13.55 -1.38 7.93
CA GLY A 68 12.20 -0.99 8.36
C GLY A 68 11.71 0.27 7.66
N ALA A 69 10.42 0.47 7.66
CA ALA A 69 9.78 1.70 7.22
C ALA A 69 10.16 2.10 5.75
N PRO A 70 10.15 1.13 4.83
CA PRO A 70 10.62 1.48 3.49
C PRO A 70 9.77 2.49 2.71
N GLY A 71 8.47 2.61 3.08
CA GLY A 71 7.54 3.46 2.34
C GLY A 71 6.83 4.44 3.26
N SER A 72 7.43 4.75 4.41
CA SER A 72 6.83 5.63 5.37
C SER A 72 7.23 7.11 5.07
N LEU A 73 6.77 8.01 5.92
CA LEU A 73 6.85 9.45 5.68
C LEU A 73 8.12 10.06 6.24
N ARG A 74 8.59 11.10 5.55
CA ARG A 74 9.66 11.97 6.08
C ARG A 74 9.07 13.13 6.88
N LYS A 75 9.87 13.68 7.80
CA LYS A 75 9.44 14.72 8.71
C LYS A 75 9.07 16.04 7.98
N SER A 76 9.90 16.46 7.04
N SER A 76 9.90 16.43 7.04
CA SER A 76 9.63 17.75 6.35
CA SER A 76 9.72 17.71 6.32
C SER A 76 8.44 17.68 5.43
C SER A 76 8.53 17.71 5.35
N SER A 77 7.75 18.79 5.32
CA SER A 77 6.64 18.87 4.38
C SER A 77 7.15 18.84 2.95
N ALA A 78 8.31 19.41 2.69
CA ALA A 78 8.77 19.59 1.32
C ALA A 78 9.06 18.21 0.67
N ASP A 79 9.58 17.25 1.45
CA ASP A 79 9.87 15.94 0.89
C ASP A 79 9.15 14.82 1.64
N ARG A 80 7.99 15.16 2.20
CA ARG A 80 7.14 14.25 2.95
C ARG A 80 7.07 12.87 2.31
N TYR A 81 6.83 12.83 0.98
CA TYR A 81 6.63 11.55 0.29
C TYR A 81 7.89 11.09 -0.44
N GLY A 82 9.08 11.58 0.00
CA GLY A 82 10.28 11.26 -0.72
C GLY A 82 10.61 9.77 -0.78
N ARG A 83 10.28 8.99 0.25
CA ARG A 83 10.58 7.57 0.18
C ARG A 83 9.75 6.89 -0.90
N LEU A 84 8.50 7.31 -1.07
N LEU A 84 8.49 7.31 -1.09
CA LEU A 84 7.68 6.80 -2.14
CA LEU A 84 7.65 6.81 -2.20
C LEU A 84 8.21 7.26 -3.50
C LEU A 84 8.17 7.29 -3.56
N ALA A 85 8.59 8.55 -3.63
CA ALA A 85 9.20 9.07 -4.88
C ALA A 85 10.42 8.22 -5.28
N ARG A 86 11.23 7.83 -4.28
CA ARG A 86 12.40 6.98 -4.56
C ARG A 86 12.05 5.57 -5.04
N HIS A 87 10.79 5.13 -4.87
CA HIS A 87 10.37 3.88 -5.47
C HIS A 87 10.09 3.99 -6.97
N LEU A 88 10.05 5.24 -7.50
CA LEU A 88 9.49 5.50 -8.83
C LEU A 88 10.32 6.42 -9.71
N ALA A 89 11.54 6.76 -9.29
CA ALA A 89 12.45 7.65 -10.09
C ALA A 89 11.90 9.08 -10.15
N LEU A 90 11.03 9.43 -9.23
CA LEU A 90 10.53 10.77 -9.15
C LEU A 90 11.46 11.64 -8.25
N PRO A 91 11.44 12.97 -8.45
CA PRO A 91 12.10 13.83 -7.51
C PRO A 91 11.59 13.65 -6.07
N PRO A 92 12.44 13.79 -5.06
CA PRO A 92 11.97 13.57 -3.67
C PRO A 92 10.92 14.54 -3.16
N THR A 93 10.81 15.70 -3.81
CA THR A 93 9.80 16.66 -3.52
C THR A 93 8.46 16.43 -4.26
N ALA A 94 8.33 15.29 -4.92
CA ALA A 94 7.09 14.99 -5.67
C ALA A 94 5.84 15.04 -4.76
N SER A 95 4.75 15.60 -5.32
CA SER A 95 3.51 15.61 -4.64
C SER A 95 2.83 14.26 -4.72
N MET A 96 1.84 14.09 -3.87
N MET A 96 1.86 14.06 -3.86
CA MET A 96 1.00 12.92 -3.94
CA MET A 96 1.08 12.84 -3.96
C MET A 96 0.30 12.75 -5.30
C MET A 96 0.29 12.73 -5.29
N ARG A 97 -0.21 13.84 -5.82
CA ARG A 97 -0.83 13.83 -7.15
C ARG A 97 0.17 13.28 -8.18
N GLU A 98 1.45 13.74 -8.11
CA GLU A 98 2.46 13.29 -9.09
C GLU A 98 2.80 11.79 -8.89
N ILE A 99 2.84 11.31 -7.65
CA ILE A 99 3.11 9.90 -7.38
C ILE A 99 1.92 9.05 -7.91
N LEU A 100 0.71 9.47 -7.61
CA LEU A 100 -0.47 8.70 -8.05
C LEU A 100 -0.62 8.70 -9.56
N ASP A 101 -0.35 9.83 -10.18
CA ASP A 101 -0.33 9.93 -11.65
C ASP A 101 0.70 9.02 -12.24
N LYS A 102 1.86 8.93 -11.61
CA LYS A 102 2.88 7.98 -12.10
C LYS A 102 2.41 6.54 -12.02
N MET A 103 1.77 6.19 -10.91
CA MET A 103 1.23 4.82 -10.71
C MET A 103 0.07 4.50 -11.67
N LEU A 104 -0.67 5.51 -12.13
CA LEU A 104 -1.77 5.33 -13.07
C LEU A 104 -1.31 5.39 -14.54
N SER A 105 -0.11 5.88 -14.80
CA SER A 105 0.29 6.19 -16.15
C SER A 105 0.29 4.99 -17.10
N ALA A 106 0.62 3.83 -16.60
CA ALA A 106 0.61 2.61 -17.42
C ALA A 106 -0.78 2.06 -17.78
N SER A 107 -1.84 2.64 -17.20
N SER A 107 -1.84 2.55 -17.14
CA SER A 107 -3.19 2.18 -17.46
CA SER A 107 -3.17 2.04 -17.42
C SER A 107 -3.71 2.45 -18.89
C SER A 107 -3.50 2.12 -18.92
N ASP A 108 -3.10 3.35 -19.63
N ASP A 108 -3.07 3.23 -19.51
CA ASP A 108 -3.44 3.46 -21.06
CA ASP A 108 -3.39 3.61 -20.89
C ASP A 108 -2.15 3.45 -21.87
C ASP A 108 -2.39 3.12 -21.96
N MET A 109 -1.30 2.52 -21.49
CA MET A 109 -0.11 2.21 -22.30
C MET A 109 -0.07 0.72 -22.56
N PRO A 110 0.50 0.33 -23.69
CA PRO A 110 0.74 -1.07 -23.94
C PRO A 110 1.69 -1.60 -22.83
N PRO A 111 1.42 -2.82 -22.29
CA PRO A 111 2.41 -3.41 -21.42
C PRO A 111 3.74 -3.55 -22.05
N ILE A 112 4.81 -3.51 -21.22
CA ILE A 112 6.17 -3.87 -21.66
C ILE A 112 6.53 -5.15 -20.94
N PRO A 113 6.39 -6.31 -21.61
CA PRO A 113 6.64 -7.56 -20.92
C PRO A 113 8.08 -7.65 -20.40
N PRO A 114 8.27 -8.46 -19.37
CA PRO A 114 9.57 -8.66 -18.80
C PRO A 114 10.54 -9.42 -19.73
N THR A 115 11.84 -9.23 -19.43
CA THR A 115 12.92 -9.88 -20.17
C THR A 115 13.49 -10.98 -19.29
N ILE A 116 13.60 -12.20 -19.82
CA ILE A 116 14.25 -13.28 -19.05
C ILE A 116 15.75 -13.17 -19.25
N VAL A 117 16.49 -13.23 -18.14
CA VAL A 117 17.97 -13.28 -18.07
C VAL A 117 18.36 -14.53 -17.36
N PRO A 118 19.58 -15.06 -17.70
CA PRO A 118 19.97 -16.35 -17.18
C PRO A 118 20.31 -16.41 -15.71
N THR A 119 20.71 -15.27 -15.13
CA THR A 119 21.01 -15.27 -13.71
C THR A 119 20.90 -13.82 -13.19
N GLY A 120 21.11 -13.71 -11.88
CA GLY A 120 21.10 -12.41 -11.24
C GLY A 120 21.59 -12.52 -9.83
N PRO A 121 21.70 -11.38 -9.11
CA PRO A 121 22.13 -11.41 -7.72
C PRO A 121 21.30 -12.29 -6.75
N CYS A 122 20.02 -12.49 -7.04
CA CYS A 122 19.21 -13.37 -6.18
C CYS A 122 19.64 -14.85 -6.19
N LYS A 123 20.57 -15.18 -7.10
CA LYS A 123 21.10 -16.52 -7.23
C LYS A 123 22.45 -16.68 -6.60
N GLU A 124 22.89 -15.68 -5.86
CA GLU A 124 24.24 -15.73 -5.25
C GLU A 124 24.41 -16.78 -4.19
N ASN A 125 23.31 -17.16 -3.54
CA ASN A 125 23.29 -18.19 -2.49
C ASN A 125 21.99 -18.97 -2.64
N SER A 126 22.04 -20.25 -2.25
CA SER A 126 20.83 -21.05 -2.22
C SER A 126 20.87 -22.01 -1.02
N LEU A 127 19.67 -22.39 -0.61
CA LEU A 127 19.43 -23.40 0.42
C LEU A 127 18.34 -24.31 0.00
N ASP A 128 18.68 -25.60 -0.13
CA ASP A 128 17.65 -26.57 -0.45
C ASP A 128 16.82 -27.00 0.77
N ASP A 129 15.83 -27.85 0.46
N ASP A 129 15.78 -27.82 0.55
CA ASP A 129 14.93 -28.53 1.41
CA ASP A 129 14.91 -28.29 1.65
C ASP A 129 15.54 -29.17 2.67
C ASP A 129 15.70 -28.81 2.88
N SER A 130 16.84 -29.48 2.63
CA SER A 130 17.57 -30.08 3.76
C SER A 130 18.47 -29.09 4.47
N GLU A 131 18.53 -27.85 3.99
CA GLU A 131 19.51 -26.86 4.46
C GLU A 131 18.94 -25.66 5.17
N PHE A 132 17.67 -25.35 4.97
CA PHE A 132 17.06 -24.28 5.74
C PHE A 132 16.04 -24.77 6.75
N ASP A 133 15.79 -23.92 7.73
CA ASP A 133 14.68 -24.07 8.69
C ASP A 133 14.17 -22.66 8.98
N LEU A 134 12.94 -22.37 8.57
CA LEU A 134 12.40 -21.03 8.69
C LEU A 134 12.31 -20.61 10.15
N THR A 135 12.24 -21.57 11.09
CA THR A 135 12.14 -21.21 12.50
C THR A 135 13.54 -20.83 13.04
N GLU A 136 14.59 -21.07 12.26
CA GLU A 136 15.98 -20.79 12.67
C GLU A 136 16.46 -19.45 12.12
N LEU A 137 15.69 -18.81 11.22
CA LEU A 137 16.04 -17.51 10.65
C LEU A 137 15.57 -16.38 11.61
N PRO A 138 16.12 -15.19 11.49
CA PRO A 138 15.79 -14.09 12.41
C PRO A 138 14.54 -13.33 11.98
N VAL A 139 13.48 -14.10 11.79
CA VAL A 139 12.19 -13.54 11.38
C VAL A 139 11.64 -12.71 12.58
N PRO A 140 11.14 -11.50 12.29
CA PRO A 140 10.73 -10.68 13.39
C PRO A 140 9.40 -11.08 14.01
N LEU A 141 9.34 -10.83 15.33
CA LEU A 141 8.04 -10.71 16.04
C LEU A 141 7.78 -9.20 15.99
N ILE A 142 6.72 -8.81 15.31
CA ILE A 142 6.49 -7.37 15.00
C ILE A 142 5.69 -6.64 16.06
N HIS A 143 4.67 -7.32 16.64
CA HIS A 143 3.88 -6.76 17.74
C HIS A 143 3.86 -7.87 18.84
N LYS A 144 3.80 -7.44 20.09
N LYS A 144 3.85 -7.48 20.11
CA LYS A 144 3.95 -8.38 21.20
CA LYS A 144 4.02 -8.51 21.15
C LYS A 144 2.89 -9.52 21.22
C LYS A 144 2.89 -9.58 21.17
N SER A 145 1.65 -9.24 20.74
CA SER A 145 0.58 -10.21 20.74
C SER A 145 0.38 -10.94 19.41
N ASP A 146 1.28 -10.70 18.43
CA ASP A 146 1.15 -11.43 17.17
C ASP A 146 1.11 -12.95 17.35
N GLY A 147 0.37 -13.61 16.50
CA GLY A 147 0.26 -15.04 16.55
C GLY A 147 1.36 -15.82 15.88
N GLY A 148 2.39 -15.12 15.38
CA GLY A 148 3.49 -15.76 14.72
C GLY A 148 4.53 -14.71 14.34
N LYS A 149 5.62 -15.15 13.79
N LYS A 149 5.64 -15.20 13.81
CA LYS A 149 6.68 -14.28 13.35
CA LYS A 149 6.74 -14.37 13.33
C LYS A 149 6.43 -14.00 11.87
C LYS A 149 6.41 -14.01 11.86
N TYR A 150 6.12 -12.71 11.60
CA TYR A 150 5.65 -12.30 10.28
C TYR A 150 6.84 -11.99 9.41
N ILE A 151 7.32 -13.06 8.77
CA ILE A 151 8.36 -12.94 7.74
C ILE A 151 7.95 -12.04 6.59
N GLN A 152 6.65 -12.01 6.26
CA GLN A 152 6.19 -11.40 5.00
C GLN A 152 5.28 -10.26 5.34
N THR A 153 5.90 -9.07 5.31
CA THR A 153 5.21 -7.82 5.34
C THR A 153 5.51 -6.84 4.17
N TYR A 154 6.57 -7.10 3.39
CA TYR A 154 6.90 -6.20 2.27
C TYR A 154 7.49 -6.93 1.08
N GLY A 155 7.31 -8.24 1.03
CA GLY A 155 7.61 -9.00 -0.18
C GLY A 155 6.42 -9.16 -1.10
N MET A 156 6.69 -9.73 -2.31
CA MET A 156 5.73 -9.84 -3.36
C MET A 156 5.46 -11.32 -3.61
N HIS A 157 4.22 -11.73 -3.43
CA HIS A 157 3.79 -13.08 -3.85
C HIS A 157 3.60 -13.08 -5.36
N ILE A 158 4.07 -14.17 -5.97
CA ILE A 158 3.99 -14.39 -7.40
C ILE A 158 3.21 -15.71 -7.61
N VAL A 159 2.06 -15.59 -8.26
CA VAL A 159 1.26 -16.74 -8.69
C VAL A 159 0.78 -16.48 -10.10
N GLN A 160 0.49 -17.56 -10.83
CA GLN A 160 0.04 -17.50 -12.23
C GLN A 160 -1.22 -18.30 -12.41
N SER A 161 -2.14 -17.83 -13.24
CA SER A 161 -3.34 -18.58 -13.60
C SER A 161 -2.95 -19.92 -14.19
N PRO A 162 -3.77 -20.94 -13.98
CA PRO A 162 -3.49 -22.24 -14.60
C PRO A 162 -3.18 -22.19 -16.10
N ASP A 163 -3.82 -21.32 -16.85
CA ASP A 163 -3.64 -21.23 -18.29
C ASP A 163 -2.43 -20.43 -18.72
N GLY A 164 -1.72 -19.91 -17.71
CA GLY A 164 -0.47 -19.19 -17.92
C GLY A 164 -0.60 -17.76 -18.39
N THR A 165 -1.79 -17.28 -18.60
CA THR A 165 -1.99 -15.98 -19.22
C THR A 165 -1.94 -14.76 -18.28
N TRP A 166 -2.01 -14.99 -16.99
CA TRP A 166 -1.95 -13.91 -16.02
C TRP A 166 -1.01 -14.29 -14.90
N THR A 167 0.01 -13.44 -14.63
CA THR A 167 0.95 -13.61 -13.53
C THR A 167 0.74 -12.40 -12.63
N ASN A 168 0.26 -12.68 -11.42
CA ASN A 168 -0.05 -11.65 -10.44
C ASN A 168 1.09 -11.47 -9.44
N TRP A 169 1.38 -10.18 -9.12
CA TRP A 169 2.29 -9.77 -8.07
C TRP A 169 1.49 -8.98 -7.05
N SER A 170 1.56 -9.40 -5.80
CA SER A 170 0.82 -8.70 -4.75
C SER A 170 1.46 -8.89 -3.37
N ILE A 171 1.12 -7.97 -2.50
CA ILE A 171 1.46 -8.04 -1.07
C ILE A 171 0.28 -8.62 -0.30
N ALA A 172 0.52 -9.64 0.45
CA ALA A 172 -0.42 -10.23 1.45
C ALA A 172 0.47 -10.78 2.54
N ARG A 173 0.04 -10.63 3.80
CA ARG A 173 0.88 -10.97 4.95
C ARG A 173 1.04 -12.51 5.03
N ALA A 174 2.15 -12.91 5.63
CA ALA A 174 2.36 -14.31 5.95
C ALA A 174 3.34 -14.43 7.10
N MET A 175 3.12 -15.50 7.88
CA MET A 175 3.94 -15.80 9.05
C MET A 175 4.49 -17.21 8.97
N VAL A 176 5.55 -17.46 9.73
CA VAL A 176 6.14 -18.81 9.78
C VAL A 176 5.24 -19.78 10.56
N HIS A 177 4.91 -20.89 9.91
CA HIS A 177 4.14 -22.00 10.51
C HIS A 177 5.09 -23.06 11.13
N ASP A 178 6.05 -23.50 10.33
CA ASP A 178 7.09 -24.42 10.84
C ASP A 178 8.31 -24.34 9.95
N LYS A 179 9.20 -25.34 10.05
CA LYS A 179 10.48 -25.24 9.36
C LYS A 179 10.39 -24.98 7.84
N ASN A 180 9.34 -25.43 7.21
CA ASN A 180 9.19 -25.28 5.75
C ASN A 180 7.82 -24.84 5.25
N HIS A 181 7.02 -24.21 6.17
CA HIS A 181 5.74 -23.66 5.76
C HIS A 181 5.50 -22.30 6.37
N LEU A 182 4.70 -21.54 5.64
CA LEU A 182 4.08 -20.29 6.08
C LEU A 182 2.58 -20.45 6.12
N THR A 183 1.92 -19.63 6.94
CA THR A 183 0.46 -19.39 6.76
C THR A 183 0.23 -17.92 6.48
N GLY A 184 -0.84 -17.62 5.78
CA GLY A 184 -1.14 -16.23 5.50
C GLY A 184 -2.54 -15.99 5.07
N LEU A 185 -2.86 -14.72 4.90
N LEU A 185 -2.82 -14.73 4.83
CA LEU A 185 -4.13 -14.30 4.38
CA LEU A 185 -4.12 -14.23 4.56
C LEU A 185 -4.23 -14.41 2.89
C LEU A 185 -4.35 -14.25 2.99
N VAL A 186 -5.27 -15.11 2.51
CA VAL A 186 -5.65 -15.24 1.07
C VAL A 186 -7.20 -15.12 1.03
N ILE A 187 -7.68 -13.88 0.84
CA ILE A 187 -9.08 -13.60 1.00
C ILE A 187 -9.69 -12.93 -0.24
N PRO A 188 -10.99 -13.15 -0.47
CA PRO A 188 -11.61 -12.46 -1.58
C PRO A 188 -11.67 -10.96 -1.28
N PRO A 189 -11.62 -10.08 -2.28
CA PRO A 189 -11.59 -10.31 -3.72
C PRO A 189 -10.13 -10.28 -4.31
N GLN A 190 -9.16 -10.53 -3.43
CA GLN A 190 -7.76 -10.26 -3.81
C GLN A 190 -7.35 -11.18 -4.96
N HIS A 191 -6.40 -10.71 -5.78
CA HIS A 191 -6.00 -11.55 -6.96
C HIS A 191 -5.30 -12.84 -6.54
N ILE A 192 -4.56 -12.90 -5.44
CA ILE A 192 -3.96 -14.13 -5.04
C ILE A 192 -5.10 -15.15 -4.76
N TRP A 193 -6.18 -14.68 -4.14
CA TRP A 193 -7.39 -15.52 -3.91
C TRP A 193 -8.05 -15.90 -5.18
N GLN A 194 -8.27 -14.95 -6.11
CA GLN A 194 -8.87 -15.30 -7.37
C GLN A 194 -8.10 -16.37 -8.14
N ILE A 195 -6.79 -16.22 -8.18
CA ILE A 195 -5.95 -17.26 -8.80
C ILE A 195 -5.98 -18.60 -8.03
N HIS A 196 -5.92 -18.54 -6.72
N HIS A 196 -5.91 -18.54 -6.71
CA HIS A 196 -5.98 -19.74 -5.93
CA HIS A 196 -6.03 -19.74 -5.85
C HIS A 196 -7.29 -20.51 -6.27
C HIS A 196 -7.30 -20.53 -6.21
N GLN A 197 -8.39 -19.79 -6.41
CA GLN A 197 -9.71 -20.41 -6.73
C GLN A 197 -9.66 -21.11 -8.07
N MET A 198 -8.93 -20.55 -9.02
CA MET A 198 -8.82 -21.21 -10.33
C MET A 198 -8.12 -22.52 -10.23
N TRP A 199 -7.04 -22.59 -9.45
CA TRP A 199 -6.33 -23.83 -9.23
C TRP A 199 -7.18 -24.85 -8.44
N LYS A 200 -7.93 -24.39 -7.45
N LYS A 200 -7.92 -24.39 -7.43
CA LYS A 200 -8.76 -25.30 -6.67
CA LYS A 200 -8.82 -25.23 -6.64
C LYS A 200 -9.87 -25.91 -7.52
C LYS A 200 -9.87 -25.90 -7.53
N LYS A 201 -10.46 -25.14 -8.44
CA LYS A 201 -11.50 -25.67 -9.31
C LYS A 201 -10.93 -26.64 -10.31
N GLU A 202 -9.70 -26.44 -10.78
CA GLU A 202 -9.01 -27.42 -11.60
C GLU A 202 -8.75 -28.71 -10.82
N GLY A 203 -8.43 -28.59 -9.54
CA GLY A 203 -8.32 -29.68 -8.59
C GLY A 203 -7.14 -30.61 -8.70
N ARG A 204 -6.21 -30.31 -9.62
CA ARG A 204 -5.09 -31.19 -9.99
C ARG A 204 -3.82 -31.01 -9.12
N SER A 205 -3.48 -29.78 -8.76
N SER A 205 -3.54 -29.77 -8.72
CA SER A 205 -2.25 -29.57 -8.00
CA SER A 205 -2.19 -29.38 -8.29
C SER A 205 -2.34 -28.34 -7.16
C SER A 205 -2.26 -28.25 -7.27
N ASP A 206 -1.39 -28.28 -6.26
CA ASP A 206 -1.14 -27.05 -5.46
C ASP A 206 -0.63 -25.96 -6.42
N VAL A 207 -0.73 -24.71 -6.01
CA VAL A 207 -0.38 -23.56 -6.87
C VAL A 207 1.12 -23.29 -6.84
N PRO A 208 1.81 -23.40 -8.00
CA PRO A 208 3.22 -23.02 -8.00
C PRO A 208 3.31 -21.53 -7.54
N TRP A 209 4.28 -21.28 -6.69
CA TRP A 209 4.35 -20.00 -5.94
C TRP A 209 5.82 -19.62 -5.73
N ALA A 210 6.05 -18.31 -5.71
CA ALA A 210 7.28 -17.75 -5.17
C ALA A 210 6.91 -16.48 -4.36
N LEU A 211 7.77 -16.14 -3.42
CA LEU A 211 7.67 -14.92 -2.62
C LEU A 211 9.03 -14.27 -2.64
N ALA A 212 9.09 -13.08 -3.23
CA ALA A 212 10.36 -12.37 -3.45
C ALA A 212 10.34 -11.14 -2.55
N PHE A 213 11.39 -11.02 -1.75
CA PHE A 213 11.56 -9.90 -0.85
C PHE A 213 12.68 -9.00 -1.38
N GLY A 214 12.51 -7.68 -1.15
CA GLY A 214 13.52 -6.77 -1.65
C GLY A 214 13.55 -6.79 -3.16
N VAL A 215 12.38 -6.66 -3.74
CA VAL A 215 12.16 -6.59 -5.20
C VAL A 215 12.36 -5.16 -5.66
N PRO A 216 12.43 -4.93 -6.97
CA PRO A 216 12.52 -3.54 -7.45
C PRO A 216 11.42 -2.67 -6.83
N PRO A 217 11.78 -1.52 -6.31
CA PRO A 217 10.77 -0.67 -5.69
C PRO A 217 9.57 -0.35 -6.55
N ALA A 218 9.74 -0.14 -7.85
CA ALA A 218 8.56 0.11 -8.67
C ALA A 218 7.61 -1.09 -8.67
N ALA A 219 8.18 -2.30 -8.63
CA ALA A 219 7.36 -3.53 -8.56
C ALA A 219 6.59 -3.68 -7.23
N ILE A 220 7.18 -3.31 -6.10
CA ILE A 220 6.46 -3.39 -4.83
C ILE A 220 5.33 -2.39 -4.78
N MET A 221 5.52 -1.25 -5.40
N MET A 221 5.52 -1.23 -5.39
CA MET A 221 4.40 -0.31 -5.50
CA MET A 221 4.41 -0.24 -5.55
C MET A 221 3.24 -0.89 -6.30
C MET A 221 3.24 -0.85 -6.32
N ALA A 222 3.51 -1.45 -7.48
CA ALA A 222 2.39 -2.07 -8.28
C ALA A 222 1.77 -3.28 -7.48
N SER A 223 2.63 -4.00 -6.74
CA SER A 223 2.16 -5.13 -5.95
C SER A 223 1.09 -4.69 -4.94
N SER A 224 1.17 -3.43 -4.50
N SER A 224 1.16 -3.44 -4.47
CA SER A 224 0.27 -2.83 -3.51
CA SER A 224 0.20 -2.89 -3.49
C SER A 224 -0.96 -2.15 -4.09
C SER A 224 -0.99 -2.19 -4.09
N MET A 225 -1.04 -2.11 -5.42
CA MET A 225 -2.07 -1.40 -6.11
C MET A 225 -3.09 -2.32 -6.71
N PRO A 226 -4.39 -1.97 -6.64
CA PRO A 226 -5.39 -2.88 -7.27
C PRO A 226 -5.57 -2.56 -8.76
N ILE A 227 -4.55 -2.84 -9.56
CA ILE A 227 -4.70 -2.77 -10.98
C ILE A 227 -5.65 -3.90 -11.43
N PRO A 228 -6.18 -3.78 -12.67
CA PRO A 228 -7.35 -4.65 -13.01
C PRO A 228 -7.10 -6.16 -13.02
N ASP A 229 -8.21 -6.88 -12.84
CA ASP A 229 -8.19 -8.32 -12.97
C ASP A 229 -7.53 -8.73 -14.31
N GLY A 230 -6.72 -9.77 -14.30
CA GLY A 230 -6.11 -10.30 -15.48
C GLY A 230 -4.93 -9.55 -16.02
N VAL A 231 -4.51 -8.46 -15.38
CA VAL A 231 -3.37 -7.68 -15.81
C VAL A 231 -2.11 -8.11 -15.04
N THR A 232 -1.11 -8.56 -15.78
CA THR A 232 0.12 -8.92 -15.20
C THR A 232 0.93 -7.73 -14.74
N GLU A 233 1.19 -7.65 -13.45
CA GLU A 233 1.88 -6.49 -12.88
C GLU A 233 3.22 -6.25 -13.51
N ALA A 234 3.95 -7.29 -13.91
CA ALA A 234 5.29 -7.05 -14.45
C ALA A 234 5.23 -6.12 -15.70
N GLY A 235 4.27 -6.36 -16.58
CA GLY A 235 4.11 -5.55 -17.80
C GLY A 235 3.63 -4.14 -17.57
N TYR A 236 2.86 -3.96 -16.50
CA TYR A 236 2.36 -2.66 -16.05
C TYR A 236 3.54 -1.85 -15.50
N VAL A 237 4.36 -2.48 -14.68
CA VAL A 237 5.59 -1.82 -14.14
C VAL A 237 6.55 -1.48 -15.29
N GLY A 238 6.70 -2.42 -16.26
CA GLY A 238 7.53 -2.13 -17.44
C GLY A 238 7.06 -0.87 -18.11
N ALA A 239 5.74 -0.77 -18.40
CA ALA A 239 5.23 0.42 -19.07
C ALA A 239 5.40 1.70 -18.23
N MET A 240 5.14 1.60 -16.95
N MET A 240 5.18 1.57 -16.93
CA MET A 240 5.29 2.77 -16.09
CA MET A 240 5.29 2.70 -15.99
C MET A 240 6.72 3.30 -16.06
C MET A 240 6.70 3.28 -15.91
N THR A 241 7.68 2.39 -15.97
CA THR A 241 9.07 2.77 -15.87
C THR A 241 9.74 2.99 -17.24
N GLY A 242 9.03 2.61 -18.29
CA GLY A 242 9.59 2.65 -19.65
C GLY A 242 10.68 1.64 -19.94
N SER A 243 10.82 0.64 -19.08
CA SER A 243 11.86 -0.40 -19.22
C SER A 243 11.35 -1.77 -18.90
N SER A 244 11.71 -2.78 -19.68
CA SER A 244 11.31 -4.16 -19.40
C SER A 244 12.05 -4.67 -18.16
N LEU A 245 11.31 -5.21 -17.23
CA LEU A 245 11.97 -5.74 -16.02
C LEU A 245 12.73 -7.04 -16.33
N GLU A 246 13.91 -7.19 -15.77
CA GLU A 246 14.70 -8.41 -15.90
C GLU A 246 14.30 -9.41 -14.81
N LEU A 247 13.87 -10.57 -15.24
CA LEU A 247 13.48 -11.69 -14.37
C LEU A 247 14.33 -12.91 -14.64
N VAL A 248 14.56 -13.66 -13.57
N VAL A 248 14.47 -13.71 -13.60
CA VAL A 248 15.22 -14.98 -13.64
CA VAL A 248 15.20 -14.98 -13.67
C VAL A 248 14.23 -16.09 -13.28
C VAL A 248 14.24 -16.09 -13.27
N LYS A 249 14.38 -17.27 -13.89
CA LYS A 249 13.50 -18.36 -13.53
C LYS A 249 13.86 -18.89 -12.10
N CYS A 250 12.83 -19.27 -11.37
CA CYS A 250 13.00 -20.03 -10.15
C CYS A 250 13.76 -21.36 -10.49
N ASP A 251 14.43 -21.89 -9.48
CA ASP A 251 15.13 -23.17 -9.67
C ASP A 251 14.19 -24.39 -9.65
N THR A 252 13.16 -24.37 -8.83
CA THR A 252 12.28 -25.46 -8.64
C THR A 252 10.90 -25.34 -9.25
N ASN A 253 10.59 -24.21 -9.94
CA ASN A 253 9.37 -24.13 -10.69
C ASN A 253 9.63 -23.20 -11.83
N ASP A 254 8.61 -22.93 -12.66
CA ASP A 254 8.78 -22.17 -13.87
C ASP A 254 8.27 -20.72 -13.78
N LEU A 255 8.11 -20.28 -12.55
CA LEU A 255 7.85 -18.87 -12.26
C LEU A 255 9.13 -18.08 -12.37
N TYR A 256 8.98 -16.78 -12.61
CA TYR A 256 10.09 -15.86 -12.74
C TYR A 256 10.06 -14.77 -11.71
N VAL A 257 11.24 -14.47 -11.18
CA VAL A 257 11.40 -13.53 -10.11
C VAL A 257 12.34 -12.40 -10.52
N PRO A 258 12.21 -11.21 -9.92
CA PRO A 258 13.14 -10.11 -10.30
C PRO A 258 14.59 -10.54 -10.07
N ALA A 259 15.47 -10.27 -11.04
CA ALA A 259 16.86 -10.72 -10.97
C ALA A 259 17.62 -10.27 -9.76
N THR A 260 17.28 -9.04 -9.27
CA THR A 260 17.95 -8.46 -8.10
C THR A 260 17.18 -8.63 -6.79
N SER A 261 16.19 -9.54 -6.77
CA SER A 261 15.47 -9.81 -5.51
C SER A 261 16.53 -10.13 -4.40
N GLU A 262 16.32 -9.58 -3.21
CA GLU A 262 17.21 -9.88 -2.08
C GLU A 262 17.10 -11.33 -1.59
N ILE A 263 15.86 -11.82 -1.50
CA ILE A 263 15.56 -13.12 -0.96
C ILE A 263 14.37 -13.69 -1.69
N VAL A 264 14.42 -14.94 -2.15
CA VAL A 264 13.33 -15.56 -2.83
C VAL A 264 13.01 -16.92 -2.13
N LEU A 265 11.73 -17.08 -1.80
CA LEU A 265 11.22 -18.41 -1.43
C LEU A 265 10.47 -19.00 -2.61
N GLU A 266 10.75 -20.31 -2.91
CA GLU A 266 10.04 -21.05 -3.99
C GLU A 266 9.24 -22.18 -3.35
N GLY A 267 8.04 -22.40 -3.79
CA GLY A 267 7.28 -23.55 -3.33
C GLY A 267 5.92 -23.56 -3.88
N THR A 268 4.95 -23.90 -2.99
CA THR A 268 3.57 -24.04 -3.38
C THR A 268 2.61 -23.45 -2.39
N LEU A 269 1.52 -22.93 -2.90
CA LEU A 269 0.39 -22.56 -2.11
C LEU A 269 -0.68 -23.68 -2.19
N SER A 270 -0.99 -24.27 -1.06
CA SER A 270 -1.88 -25.45 -1.05
C SER A 270 -3.28 -25.10 -1.49
N ILE A 271 -3.90 -25.98 -2.29
CA ILE A 271 -5.35 -25.89 -2.59
C ILE A 271 -6.23 -26.67 -1.59
N SER A 272 -5.62 -27.34 -0.61
CA SER A 272 -6.37 -28.14 0.37
C SER A 272 -6.05 -27.86 1.87
N GLU A 273 -4.81 -27.50 2.21
CA GLU A 273 -4.33 -27.37 3.56
C GLU A 273 -4.46 -25.95 4.05
N THR A 274 -4.70 -25.85 5.32
CA THR A 274 -4.76 -24.61 6.05
C THR A 274 -3.95 -24.75 7.32
N GLY A 275 -3.66 -23.63 7.96
CA GLY A 275 -3.09 -23.65 9.28
C GLY A 275 -3.40 -22.35 10.04
N PRO A 276 -3.17 -22.37 11.34
CA PRO A 276 -3.42 -21.18 12.18
C PRO A 276 -2.64 -19.97 11.67
N GLU A 277 -3.36 -18.87 11.59
CA GLU A 277 -2.82 -17.64 11.09
C GLU A 277 -3.35 -16.48 11.95
N GLY A 278 -2.47 -15.50 12.25
CA GLY A 278 -2.83 -14.39 13.05
C GLY A 278 -2.94 -14.73 14.54
N PRO A 279 -3.33 -13.76 15.36
CA PRO A 279 -3.62 -12.40 14.98
C PRO A 279 -2.36 -11.60 14.63
N PHE A 280 -2.61 -10.43 14.05
CA PHE A 280 -1.54 -9.57 13.62
C PHE A 280 -1.99 -8.11 13.90
N GLY A 281 -1.02 -7.30 14.34
CA GLY A 281 -1.22 -5.83 14.48
C GLY A 281 -1.36 -5.22 13.13
N GLU A 282 -2.54 -4.75 12.80
CA GLU A 282 -2.97 -4.48 11.44
C GLU A 282 -3.09 -2.98 11.14
N MET A 283 -3.32 -2.66 9.87
CA MET A 283 -3.35 -1.29 9.30
C MET A 283 -4.29 -0.32 10.01
N HIS A 284 -5.38 -0.79 10.61
CA HIS A 284 -6.25 0.15 11.26
C HIS A 284 -5.86 0.49 12.70
N GLY A 285 -4.77 -0.11 13.14
CA GLY A 285 -4.21 0.22 14.44
C GLY A 285 -4.48 -0.70 15.60
N TYR A 286 -4.92 -1.93 15.35
CA TYR A 286 -5.35 -2.85 16.42
C TYR A 286 -4.77 -4.23 16.25
N ILE A 287 -4.68 -4.92 17.37
CA ILE A 287 -4.56 -6.37 17.36
C ILE A 287 -5.55 -6.91 18.43
N PHE A 288 -6.20 -8.02 18.09
CA PHE A 288 -7.16 -8.74 18.96
C PHE A 288 -6.44 -9.98 19.43
N PRO A 289 -5.79 -9.89 20.61
N PRO A 289 -5.82 -9.93 20.62
CA PRO A 289 -4.98 -11.04 20.98
CA PRO A 289 -4.99 -11.09 20.99
C PRO A 289 -5.83 -12.31 21.09
C PRO A 289 -5.68 -12.44 20.95
N GLY A 290 -5.23 -13.43 20.63
N GLY A 290 -7.01 -12.46 21.04
CA GLY A 290 -5.87 -14.75 20.59
CA GLY A 290 -7.68 -13.74 21.12
C GLY A 290 -6.82 -15.00 19.43
C GLY A 290 -7.94 -14.35 19.76
N ASP A 291 -7.21 -13.95 18.68
CA ASP A 291 -7.98 -14.09 17.47
C ASP A 291 -7.22 -14.75 16.33
N THR A 292 -6.95 -16.03 16.52
CA THR A 292 -6.39 -16.87 15.45
C THR A 292 -7.49 -17.56 14.59
N HIS A 293 -7.23 -17.64 13.28
CA HIS A 293 -8.12 -18.29 12.36
C HIS A 293 -7.29 -19.09 11.40
N LEU A 294 -7.91 -20.07 10.76
CA LEU A 294 -7.21 -20.85 9.73
C LEU A 294 -6.96 -19.94 8.51
N GLY A 295 -5.71 -19.95 8.03
CA GLY A 295 -5.32 -19.21 6.81
C GLY A 295 -4.73 -20.21 5.80
N ALA A 296 -4.43 -19.69 4.64
CA ALA A 296 -3.76 -20.41 3.58
C ALA A 296 -2.40 -20.94 4.05
N LYS A 297 -1.95 -22.04 3.51
CA LYS A 297 -0.71 -22.66 3.90
C LYS A 297 0.19 -22.80 2.68
N TYR A 298 1.42 -22.30 2.82
CA TYR A 298 2.45 -22.29 1.75
C TYR A 298 3.57 -23.22 2.19
N LYS A 299 4.06 -24.03 1.28
CA LYS A 299 5.21 -24.86 1.50
C LYS A 299 6.40 -24.24 0.79
N VAL A 300 7.51 -24.16 1.50
CA VAL A 300 8.78 -23.61 0.93
C VAL A 300 9.74 -24.75 0.63
N ASN A 301 10.15 -24.83 -0.61
CA ASN A 301 11.05 -25.89 -1.10
C ASN A 301 12.51 -25.42 -1.26
N ARG A 302 12.71 -24.12 -1.46
CA ARG A 302 14.03 -23.60 -1.78
C ARG A 302 14.06 -22.12 -1.40
N ILE A 303 15.21 -21.71 -0.91
CA ILE A 303 15.51 -20.28 -0.70
C ILE A 303 16.71 -19.89 -1.51
N THR A 304 16.61 -18.78 -2.24
CA THR A 304 17.76 -18.21 -2.86
C THR A 304 17.92 -16.76 -2.39
N TYR A 305 19.15 -16.25 -2.37
CA TYR A 305 19.36 -14.92 -1.81
C TYR A 305 20.63 -14.28 -2.22
N ARG A 306 20.61 -12.96 -2.21
CA ARG A 306 21.79 -12.16 -2.41
C ARG A 306 22.79 -12.28 -1.27
N ASN A 307 24.09 -12.14 -1.58
CA ASN A 307 25.06 -11.85 -0.55
C ASN A 307 24.60 -10.65 0.29
N ASN A 308 24.71 -10.79 1.60
CA ASN A 308 24.31 -9.73 2.55
C ASN A 308 22.87 -9.26 2.36
N ALA A 309 21.99 -10.23 2.12
CA ALA A 309 20.57 -10.00 1.84
C ALA A 309 19.96 -9.09 2.90
N ILE A 310 19.05 -8.27 2.42
CA ILE A 310 18.23 -7.36 3.23
C ILE A 310 16.72 -7.68 3.05
N MET A 311 16.07 -7.92 4.19
CA MET A 311 14.64 -8.13 4.27
C MET A 311 13.93 -6.82 4.61
N PRO A 312 13.10 -6.27 3.71
CA PRO A 312 12.26 -5.12 4.10
C PRO A 312 11.13 -5.61 5.03
N MET A 313 10.77 -4.72 5.98
CA MET A 313 9.73 -4.98 6.95
C MET A 313 8.86 -3.76 7.19
N SER A 314 7.56 -3.95 7.24
CA SER A 314 6.56 -2.98 7.65
C SER A 314 6.10 -3.27 9.08
N SER A 315 6.42 -2.37 10.01
CA SER A 315 5.93 -2.50 11.37
C SER A 315 4.63 -1.69 11.43
N CYS A 316 3.57 -2.33 11.02
CA CYS A 316 2.31 -1.60 10.70
C CYS A 316 1.42 -1.44 11.91
N GLY A 317 0.57 -0.46 11.87
CA GLY A 317 -0.35 -0.17 12.94
C GLY A 317 -0.91 1.25 12.82
N ARG A 318 -0.86 1.96 13.94
CA ARG A 318 -1.25 3.35 13.98
C ARG A 318 -0.34 4.22 13.05
N LEU A 319 -0.84 5.38 12.72
CA LEU A 319 -0.21 6.22 11.68
C LEU A 319 1.28 6.45 11.98
N THR A 320 2.16 6.52 10.99
CA THR A 320 1.94 6.34 9.54
C THR A 320 2.91 5.36 8.98
N ASP A 321 2.41 4.35 8.24
CA ASP A 321 3.30 3.36 7.67
C ASP A 321 2.82 3.00 6.29
N GLU A 322 3.45 1.99 5.72
CA GLU A 322 3.20 1.53 4.34
C GLU A 322 1.73 1.14 4.09
N THR A 323 1.05 0.64 5.14
CA THR A 323 -0.36 0.27 4.99
C THR A 323 -1.23 1.45 4.76
N HIS A 324 -0.78 2.65 5.15
CA HIS A 324 -1.50 3.89 4.91
C HIS A 324 -1.05 4.60 3.64
N THR A 325 0.26 4.75 3.52
CA THR A 325 0.84 5.54 2.43
C THR A 325 0.61 4.81 1.09
N MET A 326 0.68 3.47 1.10
CA MET A 326 0.58 2.65 -0.11
C MET A 326 -0.78 2.03 -0.31
N ILE A 327 -1.32 1.33 0.68
CA ILE A 327 -2.67 0.72 0.51
C ILE A 327 -3.69 1.80 0.19
N GLY A 328 -3.78 2.79 1.08
CA GLY A 328 -4.77 3.83 0.97
C GLY A 328 -4.65 4.62 -0.32
N SER A 329 -3.44 5.16 -0.54
CA SER A 329 -3.24 6.07 -1.66
C SER A 329 -3.37 5.39 -2.99
N LEU A 330 -2.90 4.14 -3.08
CA LEU A 330 -2.95 3.44 -4.38
C LEU A 330 -4.40 2.96 -4.68
N ALA A 331 -5.16 2.60 -3.66
CA ALA A 331 -6.60 2.34 -3.87
C ALA A 331 -7.30 3.57 -4.33
N ALA A 332 -7.02 4.73 -3.70
CA ALA A 332 -7.57 5.99 -4.12
C ALA A 332 -7.28 6.32 -5.56
N ALA A 333 -6.04 6.10 -6.00
CA ALA A 333 -5.65 6.33 -7.39
C ALA A 333 -6.49 5.47 -8.34
N GLU A 334 -6.61 4.19 -8.03
CA GLU A 334 -7.43 3.35 -8.92
C GLU A 334 -8.91 3.72 -8.91
N ILE A 335 -9.43 4.15 -7.76
CA ILE A 335 -10.80 4.60 -7.67
C ILE A 335 -11.03 5.85 -8.51
N ARG A 336 -10.08 6.77 -8.50
CA ARG A 336 -10.16 7.97 -9.33
C ARG A 336 -10.33 7.55 -10.80
N LYS A 337 -9.43 6.72 -11.28
CA LYS A 337 -9.55 6.22 -12.62
C LYS A 337 -10.88 5.51 -12.90
N LEU A 338 -11.28 4.63 -12.03
CA LEU A 338 -12.51 3.90 -12.20
C LEU A 338 -13.68 4.83 -12.36
N CYS A 339 -13.72 5.86 -11.50
CA CYS A 339 -14.77 6.83 -11.64
C CYS A 339 -14.81 7.53 -12.96
N GLN A 340 -13.64 7.96 -13.41
CA GLN A 340 -13.50 8.64 -14.70
C GLN A 340 -13.94 7.73 -15.88
N GLN A 341 -13.57 6.47 -15.81
CA GLN A 341 -13.97 5.50 -16.84
C GLN A 341 -15.46 5.24 -16.88
N ASN A 342 -16.15 5.51 -15.76
CA ASN A 342 -17.57 5.40 -15.67
C ASN A 342 -18.28 6.72 -15.88
N ASP A 343 -17.58 7.67 -16.46
CA ASP A 343 -18.08 8.93 -16.84
C ASP A 343 -18.52 9.81 -15.67
N LEU A 344 -17.94 9.59 -14.51
CA LEU A 344 -18.22 10.42 -13.36
C LEU A 344 -17.15 11.53 -13.35
N PRO A 345 -17.56 12.74 -12.97
CA PRO A 345 -16.71 13.95 -13.05
C PRO A 345 -15.75 14.11 -11.86
N ILE A 346 -14.91 13.13 -11.63
CA ILE A 346 -13.98 13.11 -10.53
C ILE A 346 -12.64 13.49 -11.05
N THR A 347 -11.97 14.42 -10.40
CA THR A 347 -10.64 14.90 -10.80
C THR A 347 -9.50 14.28 -9.97
N ASP A 348 -9.79 13.99 -8.69
CA ASP A 348 -8.74 13.62 -7.73
C ASP A 348 -9.35 12.76 -6.66
N ALA A 349 -8.56 11.84 -6.10
CA ALA A 349 -9.00 11.00 -4.99
C ALA A 349 -7.80 10.79 -4.06
N PHE A 350 -8.08 10.75 -2.75
CA PHE A 350 -7.07 10.41 -1.81
C PHE A 350 -7.76 9.78 -0.60
N ALA A 351 -7.06 8.93 0.13
CA ALA A 351 -7.59 8.32 1.37
C ALA A 351 -6.99 9.08 2.58
N PRO A 352 -7.77 9.96 3.25
CA PRO A 352 -7.20 10.73 4.30
C PRO A 352 -6.55 9.88 5.39
N PHE A 353 -5.34 10.25 5.75
CA PHE A 353 -4.70 9.50 6.86
C PHE A 353 -5.52 9.54 8.14
N GLU A 354 -6.14 10.67 8.41
CA GLU A 354 -6.95 10.86 9.57
C GLU A 354 -8.12 9.87 9.69
N SER A 355 -8.58 9.35 8.56
CA SER A 355 -9.63 8.30 8.49
C SER A 355 -9.10 6.89 8.65
N GLN A 356 -7.77 6.77 8.95
CA GLN A 356 -7.09 5.47 9.02
C GLN A 356 -7.23 4.76 7.66
N VAL A 357 -7.22 5.60 6.62
CA VAL A 357 -7.39 5.19 5.21
C VAL A 357 -8.64 4.35 4.95
N THR A 358 -9.69 4.62 5.71
CA THR A 358 -10.99 3.97 5.49
C THR A 358 -11.94 4.85 4.68
N TRP A 359 -11.59 6.12 4.48
CA TRP A 359 -12.35 7.05 3.64
C TRP A 359 -11.56 7.31 2.41
N VAL A 360 -12.27 7.61 1.32
CA VAL A 360 -11.64 8.29 0.16
C VAL A 360 -12.45 9.54 -0.14
N ALA A 361 -11.73 10.64 -0.24
CA ALA A 361 -12.30 11.90 -0.65
C ALA A 361 -12.15 12.05 -2.16
N LEU A 362 -13.27 12.33 -2.83
CA LEU A 362 -13.37 12.42 -4.29
C LEU A 362 -13.67 13.88 -4.62
N ARG A 363 -12.73 14.52 -5.29
CA ARG A 363 -12.85 15.90 -5.77
C ARG A 363 -13.63 15.92 -7.09
N VAL A 364 -14.72 16.70 -7.11
CA VAL A 364 -15.64 16.77 -8.24
C VAL A 364 -15.41 18.00 -9.07
N ASP A 365 -15.38 17.82 -10.37
CA ASP A 365 -15.42 18.90 -11.31
C ASP A 365 -16.90 19.39 -11.39
N THR A 366 -17.16 20.46 -10.66
CA THR A 366 -18.55 20.85 -10.45
C THR A 366 -19.14 21.55 -11.70
N GLU A 367 -18.31 22.04 -12.58
CA GLU A 367 -18.84 22.52 -13.90
C GLU A 367 -19.48 21.33 -14.65
N LYS A 368 -18.73 20.24 -14.71
CA LYS A 368 -19.28 18.99 -15.29
C LYS A 368 -20.51 18.53 -14.57
N LEU A 369 -20.46 18.52 -13.25
CA LEU A 369 -21.60 18.11 -12.46
C LEU A 369 -22.83 18.92 -12.77
N ARG A 370 -22.69 20.22 -12.84
CA ARG A 370 -23.84 21.07 -13.15
C ARG A 370 -24.47 20.72 -14.50
N ALA A 371 -23.63 20.33 -15.47
CA ALA A 371 -24.18 19.95 -16.82
C ALA A 371 -24.98 18.65 -16.78
N MET A 372 -24.75 17.79 -15.80
CA MET A 372 -25.46 16.54 -15.65
C MET A 372 -26.88 16.76 -15.14
N LYS A 373 -27.18 17.93 -14.57
CA LYS A 373 -28.51 18.25 -14.09
C LYS A 373 -29.11 17.16 -13.22
N THR A 374 -28.37 16.84 -12.14
CA THR A 374 -28.73 15.74 -11.32
C THR A 374 -28.88 16.25 -9.88
N THR A 375 -29.06 15.31 -8.96
CA THR A 375 -29.27 15.62 -7.57
C THR A 375 -28.33 14.85 -6.69
N SER A 376 -28.24 15.25 -5.42
CA SER A 376 -27.36 14.54 -4.49
C SER A 376 -27.71 13.07 -4.37
N GLU A 377 -29.00 12.77 -4.21
N GLU A 377 -28.97 12.72 -4.18
CA GLU A 377 -29.41 11.40 -4.02
CA GLU A 377 -29.27 11.32 -3.95
C GLU A 377 -29.00 10.51 -5.19
C GLU A 377 -29.00 10.46 -5.21
N GLY A 378 -29.27 11.02 -6.38
CA GLY A 378 -28.96 10.31 -7.65
C GLY A 378 -27.45 10.11 -7.78
N PHE A 379 -26.72 11.19 -7.57
CA PHE A 379 -25.28 11.16 -7.80
C PHE A 379 -24.55 10.26 -6.77
N ARG A 380 -24.96 10.39 -5.50
CA ARG A 380 -24.43 9.51 -4.41
C ARG A 380 -24.58 8.07 -4.73
N LYS A 381 -25.76 7.71 -5.19
CA LYS A 381 -26.05 6.34 -5.52
C LYS A 381 -25.18 5.85 -6.67
N ARG A 382 -25.02 6.67 -7.69
CA ARG A 382 -24.25 6.27 -8.85
C ARG A 382 -22.80 6.08 -8.51
N VAL A 383 -22.25 7.02 -7.74
CA VAL A 383 -20.81 6.93 -7.32
C VAL A 383 -20.60 5.69 -6.43
N GLY A 384 -21.44 5.49 -5.41
CA GLY A 384 -21.28 4.30 -4.55
C GLY A 384 -21.48 3.01 -5.33
N ASP A 385 -22.44 2.93 -6.25
CA ASP A 385 -22.60 1.67 -7.01
C ASP A 385 -21.33 1.36 -7.83
N VAL A 386 -20.76 2.39 -8.40
CA VAL A 386 -19.50 2.17 -9.20
C VAL A 386 -18.37 1.69 -8.31
N VAL A 387 -18.14 2.41 -7.24
CA VAL A 387 -16.94 2.11 -6.45
C VAL A 387 -17.10 0.93 -5.51
N PHE A 388 -18.26 0.85 -4.81
CA PHE A 388 -18.39 -0.19 -3.81
C PHE A 388 -18.67 -1.57 -4.41
N ASN A 389 -19.05 -1.63 -5.68
CA ASN A 389 -19.20 -2.95 -6.32
C ASN A 389 -17.98 -3.39 -7.07
N HIS A 390 -16.91 -2.64 -6.95
CA HIS A 390 -15.65 -2.97 -7.60
C HIS A 390 -14.59 -3.32 -6.57
N LYS A 391 -13.65 -4.16 -6.96
CA LYS A 391 -12.54 -4.52 -6.13
C LYS A 391 -11.71 -3.31 -5.64
N ALA A 392 -11.54 -2.30 -6.45
CA ALA A 392 -10.75 -1.15 -6.08
C ALA A 392 -11.37 -0.47 -4.85
N GLY A 393 -12.69 -0.61 -4.67
CA GLY A 393 -13.36 0.01 -3.46
C GLY A 393 -13.35 -0.87 -2.22
N TYR A 394 -12.76 -2.07 -2.25
CA TYR A 394 -12.83 -3.05 -1.23
C TYR A 394 -12.54 -2.50 0.17
N THR A 395 -11.35 -1.86 0.28
CA THR A 395 -10.89 -1.39 1.56
C THR A 395 -11.56 -0.12 2.11
N ILE A 396 -12.38 0.53 1.27
CA ILE A 396 -12.89 1.85 1.56
C ILE A 396 -14.35 1.79 1.95
N HIS A 397 -14.65 2.34 3.15
CA HIS A 397 -16.00 2.27 3.70
C HIS A 397 -16.77 3.57 3.66
N ARG A 398 -16.08 4.70 3.47
CA ARG A 398 -16.78 5.98 3.34
C ARG A 398 -16.19 6.77 2.16
N LEU A 399 -17.00 7.19 1.24
CA LEU A 399 -16.64 8.11 0.16
C LEU A 399 -17.19 9.49 0.50
N VAL A 400 -16.35 10.49 0.44
CA VAL A 400 -16.71 11.88 0.68
C VAL A 400 -16.60 12.67 -0.57
N LEU A 401 -17.71 13.14 -1.12
CA LEU A 401 -17.72 13.97 -2.35
C LEU A 401 -17.54 15.40 -1.96
N VAL A 402 -16.58 16.05 -2.59
CA VAL A 402 -16.22 17.44 -2.31
C VAL A 402 -16.06 18.22 -3.61
N GLY A 403 -16.42 19.49 -3.54
CA GLY A 403 -16.25 20.39 -4.67
C GLY A 403 -14.81 20.84 -4.96
N ASP A 404 -14.67 21.69 -5.97
CA ASP A 404 -13.42 22.04 -6.57
C ASP A 404 -12.50 22.82 -5.67
N ASP A 405 -13.08 23.43 -4.64
CA ASP A 405 -12.26 24.26 -3.73
C ASP A 405 -11.46 23.43 -2.77
N ILE A 406 -11.75 22.18 -2.57
CA ILE A 406 -11.09 21.31 -1.60
C ILE A 406 -9.92 20.54 -2.23
N ASP A 407 -8.77 20.62 -1.55
CA ASP A 407 -7.62 19.79 -1.88
C ASP A 407 -7.70 18.51 -1.13
N VAL A 408 -8.07 17.42 -1.83
CA VAL A 408 -8.29 16.15 -1.14
C VAL A 408 -7.05 15.54 -0.53
N TYR A 409 -5.90 16.05 -0.91
CA TYR A 409 -4.63 15.55 -0.40
C TYR A 409 -4.31 16.22 0.94
N GLU A 410 -5.14 17.18 1.36
CA GLU A 410 -5.02 17.87 2.68
C GLU A 410 -6.14 17.49 3.63
N GLY A 411 -5.80 16.60 4.56
CA GLY A 411 -6.81 16.04 5.46
C GLY A 411 -7.60 17.07 6.21
N LYS A 412 -6.95 18.17 6.61
N LYS A 412 -6.96 18.16 6.62
CA LYS A 412 -7.65 19.25 7.33
CA LYS A 412 -7.69 19.17 7.36
C LYS A 412 -8.80 19.84 6.52
C LYS A 412 -8.81 19.81 6.52
N ASP A 413 -8.59 19.96 5.23
CA ASP A 413 -9.62 20.52 4.34
C ASP A 413 -10.76 19.53 4.06
N VAL A 414 -10.41 18.25 3.93
CA VAL A 414 -11.42 17.22 3.81
C VAL A 414 -12.28 17.17 5.06
N LEU A 415 -11.67 17.25 6.24
N LEU A 415 -11.67 17.23 6.24
CA LEU A 415 -12.46 17.17 7.47
CA LEU A 415 -12.47 17.15 7.46
C LEU A 415 -13.34 18.38 7.60
C LEU A 415 -13.33 18.38 7.61
N TRP A 416 -12.84 19.55 7.22
CA TRP A 416 -13.63 20.77 7.25
C TRP A 416 -14.85 20.64 6.36
N ALA A 417 -14.65 20.22 5.11
CA ALA A 417 -15.76 20.06 4.19
C ALA A 417 -16.77 19.03 4.70
N PHE A 418 -16.30 17.85 5.11
CA PHE A 418 -17.17 16.79 5.63
C PHE A 418 -18.06 17.29 6.74
N SER A 419 -17.40 17.95 7.70
N SER A 419 -17.41 17.94 7.71
CA SER A 419 -18.04 18.40 8.93
CA SER A 419 -18.09 18.33 8.93
C SER A 419 -19.03 19.52 8.75
C SER A 419 -19.04 19.51 8.75
N THR A 420 -18.88 20.30 7.68
CA THR A 420 -19.65 21.52 7.50
C THR A 420 -20.63 21.50 6.29
N ARG A 421 -20.41 20.56 5.34
CA ARG A 421 -21.23 20.51 4.12
C ARG A 421 -22.07 19.25 3.94
N CYS A 422 -21.86 18.21 4.73
CA CYS A 422 -22.60 16.97 4.65
C CYS A 422 -23.51 16.86 5.86
N ARG A 423 -24.83 17.03 5.63
CA ARG A 423 -25.82 16.82 6.73
C ARG A 423 -25.94 15.34 7.04
N PRO A 424 -25.64 14.91 8.25
CA PRO A 424 -25.75 13.50 8.63
C PRO A 424 -27.13 12.94 8.24
N GLY A 425 -27.10 11.73 7.66
CA GLY A 425 -28.31 11.04 7.27
C GLY A 425 -28.83 11.55 5.93
N MET A 426 -29.41 12.73 5.85
CA MET A 426 -30.00 13.26 4.64
C MET A 426 -29.09 13.32 3.45
N ASP A 427 -27.84 13.71 3.70
CA ASP A 427 -26.87 13.87 2.62
C ASP A 427 -25.98 12.61 2.46
N GLU A 428 -26.43 11.46 2.92
CA GLU A 428 -25.64 10.25 2.87
C GLU A 428 -26.51 9.14 2.33
N THR A 429 -25.86 8.18 1.65
CA THR A 429 -26.51 6.93 1.28
C THR A 429 -25.73 5.77 1.83
N LEU A 430 -26.35 4.91 2.62
CA LEU A 430 -25.78 3.73 3.13
C LEU A 430 -25.87 2.57 2.11
N PHE A 431 -24.84 1.73 2.10
CA PHE A 431 -24.75 0.54 1.28
C PHE A 431 -24.54 -0.68 2.15
N GLU A 432 -25.55 -1.52 2.28
CA GLU A 432 -25.44 -2.66 3.10
C GLU A 432 -25.22 -3.96 2.28
N ASP A 433 -25.46 -3.92 0.97
CA ASP A 433 -25.38 -5.10 0.11
C ASP A 433 -24.16 -5.01 -0.84
N VAL A 434 -23.03 -4.69 -0.23
CA VAL A 434 -21.76 -4.64 -0.88
C VAL A 434 -20.75 -5.38 -0.05
N ARG A 435 -19.63 -5.80 -0.65
CA ARG A 435 -18.63 -6.48 0.15
C ARG A 435 -17.97 -5.48 1.13
N GLY A 436 -17.79 -5.90 2.37
CA GLY A 436 -17.17 -5.12 3.41
C GLY A 436 -15.76 -5.63 3.67
N PHE A 437 -14.93 -4.78 4.27
CA PHE A 437 -13.52 -5.09 4.61
C PHE A 437 -13.46 -5.56 6.01
N PRO A 438 -13.30 -6.87 6.22
CA PRO A 438 -13.46 -7.38 7.57
C PRO A 438 -12.40 -6.95 8.59
N LEU A 439 -11.23 -6.50 8.12
N LEU A 439 -11.28 -6.46 8.07
CA LEU A 439 -10.13 -6.15 9.04
CA LEU A 439 -10.13 -6.09 8.89
C LEU A 439 -10.44 -4.84 9.81
C LEU A 439 -10.46 -4.88 9.78
N ILE A 440 -11.36 -4.02 9.28
CA ILE A 440 -11.75 -2.80 10.06
C ILE A 440 -12.43 -3.34 11.31
N PRO A 441 -12.02 -2.85 12.51
CA PRO A 441 -12.61 -3.43 13.75
C PRO A 441 -14.11 -3.40 13.79
N TYR A 442 -14.75 -2.33 13.32
CA TYR A 442 -16.22 -2.25 13.38
C TYR A 442 -16.90 -3.26 12.44
N MET A 443 -16.12 -3.89 11.54
CA MET A 443 -16.64 -4.95 10.66
C MET A 443 -16.40 -6.29 11.32
N GLY A 444 -15.15 -6.78 11.35
CA GLY A 444 -14.85 -8.10 11.81
C GLY A 444 -15.05 -8.37 13.28
N HIS A 445 -14.96 -7.29 14.07
CA HIS A 445 -15.16 -7.39 15.54
C HIS A 445 -16.35 -6.51 15.97
N GLY A 446 -17.25 -6.21 15.05
CA GLY A 446 -18.36 -5.29 15.26
C GLY A 446 -19.71 -5.95 15.50
N ASN A 447 -20.74 -5.13 15.29
CA ASN A 447 -22.10 -5.51 15.58
C ASN A 447 -22.86 -6.11 14.44
N GLY A 448 -22.25 -6.18 13.25
CA GLY A 448 -22.94 -6.58 12.04
C GLY A 448 -22.11 -7.63 11.31
N PRO A 449 -22.60 -8.00 10.11
CA PRO A 449 -21.88 -9.00 9.28
C PRO A 449 -20.45 -8.54 9.00
N ALA A 450 -19.47 -9.41 9.19
CA ALA A 450 -18.08 -9.01 9.06
C ALA A 450 -17.75 -8.65 7.58
N HIS A 451 -18.41 -9.31 6.64
CA HIS A 451 -18.05 -9.25 5.23
C HIS A 451 -18.99 -8.51 4.32
N ARG A 452 -20.02 -7.85 4.89
CA ARG A 452 -21.02 -7.24 4.10
C ARG A 452 -21.46 -5.94 4.71
N GLY A 453 -21.57 -4.92 3.87
CA GLY A 453 -22.21 -3.66 4.22
C GLY A 453 -21.30 -2.76 5.01
N GLY A 454 -21.90 -1.81 5.73
CA GLY A 454 -21.14 -0.86 6.52
C GLY A 454 -20.50 0.23 5.70
N LYS A 455 -20.93 0.49 4.50
CA LYS A 455 -20.42 1.49 3.63
C LYS A 455 -21.38 2.64 3.41
N VAL A 456 -20.81 3.79 3.06
CA VAL A 456 -21.59 5.03 2.97
C VAL A 456 -21.00 5.97 1.95
N VAL A 457 -21.80 6.69 1.19
CA VAL A 457 -21.36 7.81 0.45
C VAL A 457 -21.93 9.06 1.17
N SER A 458 -21.00 9.96 1.56
CA SER A 458 -21.33 11.19 2.26
C SER A 458 -21.13 12.34 1.27
N ASP A 459 -22.19 13.05 0.92
CA ASP A 459 -22.08 14.09 -0.07
C ASP A 459 -21.81 15.45 0.63
N ALA A 460 -20.56 15.91 0.52
CA ALA A 460 -20.15 17.22 0.99
C ALA A 460 -20.14 18.27 -0.11
N LEU A 461 -20.89 18.05 -1.19
CA LEU A 461 -21.21 19.07 -2.13
C LEU A 461 -22.39 19.86 -1.60
N MET A 462 -22.30 21.16 -1.72
CA MET A 462 -23.43 22.03 -1.33
C MET A 462 -24.49 22.09 -2.42
N PRO A 463 -25.73 22.50 -2.05
CA PRO A 463 -26.80 22.39 -3.07
C PRO A 463 -26.56 23.12 -4.38
N THR A 464 -26.03 24.33 -4.31
CA THR A 464 -25.83 25.10 -5.53
C THR A 464 -24.72 24.58 -6.40
N GLU A 465 -23.89 23.69 -5.85
CA GLU A 465 -22.84 23.08 -6.68
C GLU A 465 -23.43 22.18 -7.79
N TYR A 466 -24.68 21.72 -7.58
CA TYR A 466 -25.43 20.91 -8.58
C TYR A 466 -26.18 21.77 -9.59
N THR A 467 -26.31 23.05 -9.30
CA THR A 467 -27.23 23.92 -10.10
C THR A 467 -26.48 25.08 -10.72
N THR A 468 -26.32 26.14 -9.93
CA THR A 468 -25.82 27.40 -10.43
C THR A 468 -24.36 27.80 -10.09
N GLY A 469 -23.75 27.08 -9.14
CA GLY A 469 -22.34 27.32 -8.73
C GLY A 469 -22.26 27.64 -7.25
N ARG A 470 -21.06 27.46 -6.73
CA ARG A 470 -20.69 27.87 -5.38
C ARG A 470 -21.21 29.24 -5.02
N ASN A 471 -21.88 29.37 -3.87
CA ASN A 471 -22.52 30.60 -3.44
C ASN A 471 -21.98 31.14 -2.10
N TRP A 472 -20.78 30.72 -1.71
CA TRP A 472 -20.10 31.19 -0.54
C TRP A 472 -18.68 31.63 -0.90
N GLU A 473 -18.04 32.32 0.06
CA GLU A 473 -16.59 32.48 0.11
C GLU A 473 -16.18 31.98 1.49
N ALA A 474 -14.99 31.42 1.61
CA ALA A 474 -14.53 30.99 2.92
C ALA A 474 -14.22 32.23 3.79
N ALA A 475 -14.49 32.07 5.08
CA ALA A 475 -14.08 33.03 6.09
C ALA A 475 -12.68 32.69 6.57
N ASP A 476 -11.72 32.88 5.62
CA ASP A 476 -10.33 32.62 5.89
C ASP A 476 -9.49 33.77 5.33
N PHE A 477 -8.20 33.77 5.65
CA PHE A 477 -7.36 34.84 5.16
C PHE A 477 -7.33 34.88 3.63
N ASN A 478 -7.27 33.71 3.01
CA ASN A 478 -7.18 33.69 1.55
C ASN A 478 -8.39 34.29 0.84
N GLN A 479 -9.60 34.03 1.33
CA GLN A 479 -10.80 34.33 0.61
C GLN A 479 -11.57 35.54 1.12
N SER A 480 -11.28 35.99 2.32
N SER A 480 -11.37 35.98 2.36
CA SER A 480 -12.10 37.00 2.93
CA SER A 480 -12.18 37.10 2.85
C SER A 480 -11.49 38.40 2.85
C SER A 480 -11.52 38.46 2.78
N TYR A 481 -10.36 38.52 2.13
CA TYR A 481 -9.62 39.79 2.03
C TYR A 481 -9.07 39.95 0.60
N PRO A 482 -9.06 41.17 0.08
CA PRO A 482 -8.56 41.33 -1.28
C PRO A 482 -7.07 41.11 -1.38
N GLU A 483 -6.62 40.85 -2.63
CA GLU A 483 -5.28 40.50 -2.89
C GLU A 483 -4.27 41.50 -2.42
N ASP A 484 -4.56 42.78 -2.63
N ASP A 484 -4.54 42.77 -2.66
CA ASP A 484 -3.57 43.81 -2.31
CA ASP A 484 -3.56 43.81 -2.34
C ASP A 484 -3.38 43.94 -0.79
C ASP A 484 -3.37 43.88 -0.80
N LEU A 485 -4.48 43.77 -0.06
CA LEU A 485 -4.41 43.76 1.37
C LEU A 485 -3.66 42.57 1.91
N LYS A 486 -4.00 41.38 1.44
CA LYS A 486 -3.26 40.20 1.85
C LYS A 486 -1.73 40.40 1.70
N GLN A 487 -1.36 40.88 0.52
CA GLN A 487 0.06 41.02 0.21
C GLN A 487 0.74 42.01 1.14
N LYS A 488 0.02 43.09 1.45
CA LYS A 488 0.50 44.11 2.40
C LYS A 488 0.74 43.53 3.80
N VAL A 489 -0.23 42.74 4.24
CA VAL A 489 -0.13 42.08 5.49
C VAL A 489 1.08 41.13 5.55
N LEU A 490 1.23 40.30 4.49
CA LEU A 490 2.38 39.40 4.38
C LEU A 490 3.72 40.16 4.35
N ASP A 491 3.76 41.23 3.62
CA ASP A 491 4.99 41.98 3.47
C ASP A 491 5.41 42.68 4.73
N ASN A 492 4.42 43.06 5.55
CA ASN A 492 4.70 43.77 6.83
C ASN A 492 4.73 42.86 8.06
N TRP A 493 4.53 41.56 7.90
CA TRP A 493 4.32 40.61 9.00
C TRP A 493 5.47 40.61 10.01
N THR A 494 6.72 40.42 9.53
CA THR A 494 7.82 40.38 10.47
C THR A 494 8.15 41.78 11.03
N LYS A 495 7.99 42.84 10.22
CA LYS A 495 8.20 44.23 10.66
C LYS A 495 7.30 44.55 11.82
N MET A 496 6.02 44.17 11.72
CA MET A 496 5.06 44.45 12.82
C MET A 496 5.37 43.75 14.14
N GLY A 497 6.04 42.59 14.06
CA GLY A 497 6.49 41.74 15.16
C GLY A 497 6.03 40.29 15.22
N PHE A 498 5.43 39.76 14.16
CA PHE A 498 4.91 38.37 14.12
C PHE A 498 5.97 37.42 13.60
N SER A 499 5.68 36.10 13.64
CA SER A 499 6.67 35.01 13.32
C SER A 499 6.53 34.58 11.88
N HIS A 503 10.84 27.90 7.42
CA HIS A 503 11.27 27.86 5.99
C HIS A 503 10.67 26.64 5.31
N HIS A 504 10.38 26.81 4.02
CA HIS A 504 9.78 25.76 3.21
C HIS A 504 10.48 24.37 3.35
N HIS A 505 11.82 24.32 3.22
CA HIS A 505 12.52 23.02 3.17
C HIS A 505 12.82 22.35 4.54
N HIS A 506 12.55 23.04 5.66
CA HIS A 506 13.02 22.61 6.97
O9 JRH B . -4.77 -6.29 -6.65
C7 JRH B . -3.01 -6.53 1.90
O8 JRH B . -4.66 -8.53 -5.47
C5 JRH B . 0.80 -3.40 1.98
N1 JRH B . -2.33 -5.44 1.39
C4 JRH B . 1.28 -3.95 3.18
C2 JRH B . -0.62 -5.52 3.15
N3 JRH B . -3.92 -7.09 1.20
C1 JRH B . -1.09 -4.95 1.98
C3 JRH B . 0.57 -5.03 3.79
C6 JRH B . -0.34 -3.92 1.37
C8 JRH B . -2.66 -6.98 3.31
N2 JRH B . -1.37 -6.56 3.79
C9 JRH B . -4.31 -8.35 1.55
N4 JRH B . -3.84 -8.97 2.65
C10 JRH B . -2.84 -8.49 3.43
C11 JRH B . -1.38 -6.77 5.26
C12 JRH B . -0.30 -5.99 5.96
C13 JRH B . 0.97 -5.78 5.09
C14 JRH B . 1.51 -2.24 1.35
C15 JRH B . 2.55 -3.42 3.79
C16 JRH B . 1.58 -7.14 4.71
C17 JRH B . 1.94 -5.09 6.05
O1 JRH B . -5.07 -9.03 0.88
O2 JRH B . -2.26 -9.23 4.21
C18 JRH B . -2.93 -4.68 0.29
C19 JRH B . -2.77 -5.34 -1.08
O3 JRH B . -1.37 -5.44 -1.38
C20 JRH B . -3.52 -4.57 -2.17
C21 JRH B . -3.18 -5.04 -3.59
O4 JRH B . -4.09 -4.38 -4.48
O5 JRH B . -4.93 -4.74 -1.89
C22 JRH B . -3.33 -6.54 -3.78
O6 JRH B . -2.82 -6.87 -5.13
P1 JRH B . -3.90 -7.44 -6.21
O7 JRH B . -2.98 -7.96 -7.30
C23 JRH B . -3.69 -6.53 4.40
C24 JRH B . -2.85 -6.49 5.68
C25 JRH B . -4.51 -5.26 4.17
MN MN C . -3.22 -7.89 -9.49
K K D . -1.22 -5.70 -7.34
K K E . -24.36 18.17 1.10
#